data_6NU9
#
_entry.id   6NU9
#
_cell.length_a   64.399
_cell.length_b   64.399
_cell.length_c   158.901
_cell.angle_alpha   90.000
_cell.angle_beta   90.000
_cell.angle_gamma   120.000
#
_symmetry.space_group_name_H-M   'P 65 2 2'
#
loop_
_entity.id
_entity.type
_entity.pdbx_description
1 polymer 'Zinc-Binding Non-Structural Protein'
2 non-polymer 'ZINC ION'
3 non-polymer 'NITRITE ION'
4 non-polymer GLYCEROL
5 water water
#
_entity_poly.entity_id   1
_entity_poly.type   'polypeptide(L)'
_entity_poly.pdbx_seq_one_letter_code
;GSAESAISDISGSYVVPGTALQPLYQALDLPAEIVARAGRLTATVKVSQVDGRIDCETLLGNKTFRTSFVDGAVLETNGP
ERHNLSFDASQSTMAAGPFSLTYAASAAGLEVRYVAAGLDHRAVFAPGVSPRSAPGEVTAFCSALYRFNREAQRLSLTGN
FWFHPEGLLGPFAPFSPGHVWESA
;
_entity_poly.pdbx_strand_id   A
#
loop_
_chem_comp.id
_chem_comp.type
_chem_comp.name
_chem_comp.formula
GOL non-polymer GLYCEROL 'C3 H8 O3'
NO2 non-polymer 'NITRITE ION' 'N O2 -1'
ZN non-polymer 'ZINC ION' 'Zn 2'
#
# COMPACT_ATOMS: atom_id res chain seq x y z
N ILE A 7 20.14 4.30 3.95
CA ILE A 7 19.51 3.73 5.15
C ILE A 7 18.45 4.66 5.71
N SER A 8 18.87 5.87 6.11
CA SER A 8 17.89 6.84 6.61
C SER A 8 17.00 7.35 5.51
N ASP A 9 17.47 7.32 4.27
CA ASP A 9 16.67 7.70 3.10
C ASP A 9 16.18 6.41 2.46
N ILE A 10 14.86 6.18 2.49
CA ILE A 10 14.27 4.99 1.88
C ILE A 10 14.00 5.18 0.39
N SER A 11 14.41 6.32 -0.18
CA SER A 11 14.13 6.62 -1.58
C SER A 11 14.67 5.53 -2.49
N GLY A 12 13.85 5.10 -3.44
CA GLY A 12 14.31 4.12 -4.40
C GLY A 12 13.14 3.49 -5.14
N SER A 13 13.46 2.46 -5.90
CA SER A 13 12.49 1.68 -6.66
C SER A 13 12.43 0.28 -6.08
N TYR A 14 11.22 -0.19 -5.76
CA TYR A 14 11.05 -1.46 -5.06
C TYR A 14 10.02 -2.32 -5.77
N VAL A 15 10.20 -3.63 -5.65
CA VAL A 15 9.27 -4.62 -6.21
C VAL A 15 8.31 -5.03 -5.11
N VAL A 16 7.01 -4.82 -5.34
CA VAL A 16 5.98 -5.10 -4.34
CA VAL A 16 5.99 -5.11 -4.34
C VAL A 16 5.01 -6.12 -4.93
N PRO A 17 5.21 -7.41 -4.64
CA PRO A 17 4.24 -8.42 -5.08
C PRO A 17 3.15 -8.66 -4.05
N GLY A 18 1.94 -8.89 -4.55
CA GLY A 18 0.80 -9.16 -3.68
C GLY A 18 0.96 -10.38 -2.81
N THR A 19 1.83 -11.32 -3.20
CA THR A 19 2.08 -12.49 -2.36
C THR A 19 2.68 -12.12 -1.01
N ALA A 20 3.31 -10.96 -0.89
CA ALA A 20 3.99 -10.56 0.33
C ALA A 20 3.06 -9.92 1.36
N LEU A 21 1.79 -9.70 1.03
CA LEU A 21 0.89 -8.95 1.89
C LEU A 21 -0.41 -9.69 2.16
N GLN A 22 -0.46 -10.99 1.88
CA GLN A 22 -1.70 -11.76 2.07
C GLN A 22 -2.25 -11.71 3.50
N PRO A 23 -1.44 -11.88 4.56
CA PRO A 23 -2.02 -11.74 5.90
C PRO A 23 -2.65 -10.37 6.12
N LEU A 24 -2.09 -9.32 5.53
CA LEU A 24 -2.68 -8.00 5.68
CA LEU A 24 -2.67 -7.99 5.66
C LEU A 24 -4.04 -7.93 4.99
N TYR A 25 -4.12 -8.44 3.75
CA TYR A 25 -5.39 -8.41 3.03
C TYR A 25 -6.48 -9.15 3.80
N GLN A 26 -6.13 -10.29 4.40
CA GLN A 26 -7.10 -11.01 5.21
C GLN A 26 -7.55 -10.19 6.40
N ALA A 27 -6.62 -9.45 7.02
CA ALA A 27 -6.95 -8.64 8.18
C ALA A 27 -7.82 -7.45 7.83
N LEU A 28 -7.89 -7.10 6.55
CA LEU A 28 -8.71 -6.01 6.07
C LEU A 28 -10.14 -6.45 5.78
N ASP A 29 -10.47 -7.71 6.04
CA ASP A 29 -11.82 -8.27 5.80
C ASP A 29 -12.22 -8.18 4.34
N LEU A 30 -11.25 -8.40 3.45
CA LEU A 30 -11.50 -8.39 2.01
C LEU A 30 -12.01 -9.76 1.56
N PRO A 31 -12.84 -9.81 0.52
CA PRO A 31 -13.33 -11.10 0.03
C PRO A 31 -12.24 -11.92 -0.63
N ALA A 32 -12.50 -13.23 -0.72
CA ALA A 32 -11.51 -14.17 -1.25
C ALA A 32 -11.03 -13.76 -2.64
N GLU A 33 -11.94 -13.27 -3.48
CA GLU A 33 -11.56 -12.88 -4.84
C GLU A 33 -10.54 -11.75 -4.83
N ILE A 34 -10.73 -10.74 -3.97
CA ILE A 34 -9.82 -9.60 -3.92
C ILE A 34 -8.47 -10.03 -3.37
N VAL A 35 -8.47 -10.80 -2.28
CA VAL A 35 -7.21 -11.30 -1.74
C VAL A 35 -6.43 -12.08 -2.78
N ALA A 36 -7.13 -12.94 -3.54
CA ALA A 36 -6.45 -13.78 -4.54
C ALA A 36 -5.99 -12.95 -5.73
N ARG A 37 -6.81 -11.99 -6.18
CA ARG A 37 -6.41 -11.17 -7.31
C ARG A 37 -5.17 -10.35 -6.99
N ALA A 38 -5.16 -9.70 -5.83
CA ALA A 38 -3.97 -8.96 -5.41
C ALA A 38 -2.76 -9.88 -5.28
N GLY A 39 -2.97 -11.12 -4.84
CA GLY A 39 -1.86 -12.05 -4.71
C GLY A 39 -1.18 -12.38 -6.02
N ARG A 40 -1.89 -12.27 -7.13
CA ARG A 40 -1.32 -12.57 -8.44
C ARG A 40 -0.70 -11.35 -9.11
N LEU A 41 -0.77 -10.18 -8.49
CA LEU A 41 -0.30 -8.95 -9.08
C LEU A 41 1.01 -8.51 -8.44
N THR A 42 1.78 -7.72 -9.19
CA THR A 42 3.03 -7.18 -8.70
CA THR A 42 3.06 -7.19 -8.74
C THR A 42 3.22 -5.78 -9.29
N ALA A 43 3.84 -4.91 -8.49
CA ALA A 43 3.99 -3.52 -8.90
C ALA A 43 5.41 -3.04 -8.63
N THR A 44 5.79 -2.00 -9.37
CA THR A 44 6.97 -1.20 -9.06
C THR A 44 6.49 0.05 -8.34
N VAL A 45 7.08 0.34 -7.18
CA VAL A 45 6.78 1.57 -6.46
C VAL A 45 8.06 2.37 -6.37
N LYS A 46 8.03 3.58 -6.95
CA LYS A 46 9.14 4.51 -6.86
C LYS A 46 8.87 5.43 -5.67
N VAL A 47 9.72 5.33 -4.65
CA VAL A 47 9.53 6.07 -3.41
C VAL A 47 10.50 7.25 -3.38
N SER A 48 10.00 8.42 -3.00
CA SER A 48 10.85 9.59 -2.82
C SER A 48 10.50 10.19 -1.46
N GLN A 49 11.46 10.14 -0.54
CA GLN A 49 11.29 10.72 0.78
C GLN A 49 11.94 12.10 0.82
N VAL A 50 11.13 13.14 1.02
CA VAL A 50 11.62 14.50 1.20
C VAL A 50 11.09 15.01 2.56
N ASP A 51 11.99 15.51 3.39
CA ASP A 51 11.62 16.13 4.65
C ASP A 51 10.70 15.23 5.47
N GLY A 52 9.46 15.68 5.67
CA GLY A 52 8.48 14.89 6.39
C GLY A 52 7.44 14.32 5.47
N ARG A 53 7.81 14.08 4.22
CA ARG A 53 6.87 13.63 3.19
C ARG A 53 7.44 12.43 2.47
N ILE A 54 6.55 11.56 1.99
CA ILE A 54 6.90 10.42 1.15
C ILE A 54 5.99 10.45 -0.07
N ASP A 55 6.57 10.65 -1.24
CA ASP A 55 5.85 10.58 -2.50
C ASP A 55 6.03 9.21 -3.10
N CYS A 56 4.94 8.63 -3.61
CA CYS A 56 4.98 7.29 -4.17
C CYS A 56 4.38 7.31 -5.57
N GLU A 57 5.09 6.72 -6.53
CA GLU A 57 4.59 6.44 -7.86
C GLU A 57 4.55 4.94 -8.03
N THR A 58 3.35 4.39 -8.25
CA THR A 58 3.14 2.95 -8.37
C THR A 58 2.81 2.61 -9.82
N LEU A 59 3.59 1.69 -10.39
CA LEU A 59 3.39 1.25 -11.76
C LEU A 59 2.81 -0.16 -11.69
N LEU A 60 1.56 -0.31 -12.14
CA LEU A 60 0.81 -1.56 -12.01
C LEU A 60 0.14 -1.84 -13.33
N GLY A 61 0.61 -2.87 -14.03
CA GLY A 61 0.10 -3.14 -15.37
C GLY A 61 0.21 -1.92 -16.25
N ASN A 62 -0.92 -1.52 -16.84
CA ASN A 62 -1.00 -0.32 -17.67
C ASN A 62 -1.54 0.88 -16.89
N LYS A 63 -1.27 0.95 -15.59
CA LYS A 63 -1.78 2.02 -14.76
CA LYS A 63 -1.78 2.01 -14.74
C LYS A 63 -0.64 2.66 -13.97
N THR A 64 -0.72 3.97 -13.78
CA THR A 64 0.18 4.72 -12.93
C THR A 64 -0.64 5.37 -11.83
N PHE A 65 -0.25 5.17 -10.57
CA PHE A 65 -0.90 5.81 -9.45
C PHE A 65 0.14 6.62 -8.68
N ARG A 66 -0.27 7.80 -8.22
CA ARG A 66 0.60 8.69 -7.46
CA ARG A 66 0.59 8.68 -7.46
C ARG A 66 -0.07 9.02 -6.13
N THR A 67 0.70 8.92 -5.05
CA THR A 67 0.22 9.23 -3.71
C THR A 67 1.32 9.97 -2.98
N SER A 68 0.92 10.72 -1.97
CA SER A 68 1.89 11.42 -1.12
C SER A 68 1.48 11.21 0.33
N PHE A 69 2.42 10.77 1.14
CA PHE A 69 2.17 10.46 2.54
C PHE A 69 2.68 11.62 3.39
N VAL A 70 1.75 12.29 4.07
CA VAL A 70 2.09 13.38 4.98
CA VAL A 70 2.07 13.40 4.97
C VAL A 70 1.22 13.24 6.22
N ASP A 71 1.79 13.64 7.35
CA ASP A 71 1.04 13.60 8.60
C ASP A 71 -0.22 14.44 8.47
N GLY A 72 -1.36 13.87 8.88
CA GLY A 72 -2.63 14.55 8.77
C GLY A 72 -3.34 14.37 7.45
N ALA A 73 -2.74 13.65 6.50
CA ALA A 73 -3.37 13.43 5.21
C ALA A 73 -4.71 12.72 5.40
N VAL A 74 -5.72 13.21 4.68
CA VAL A 74 -7.06 12.61 4.76
C VAL A 74 -7.03 11.24 4.08
N LEU A 75 -7.75 10.29 4.66
CA LEU A 75 -7.91 8.96 4.09
C LEU A 75 -9.40 8.70 3.88
N GLU A 76 -9.79 8.46 2.63
CA GLU A 76 -11.19 8.15 2.33
C GLU A 76 -11.65 6.89 3.05
N THR A 77 -12.92 6.86 3.43
CA THR A 77 -13.51 5.69 4.10
C THR A 77 -14.82 5.29 3.43
N ASN A 78 -15.32 4.13 3.84
CA ASN A 78 -16.52 3.46 3.30
C ASN A 78 -16.30 2.91 1.90
N HIS A 83 -11.08 9.27 8.02
CA HIS A 83 -10.16 9.69 9.06
C HIS A 83 -8.88 10.28 8.47
N ASN A 84 -7.85 10.41 9.30
CA ASN A 84 -6.62 11.07 8.92
C ASN A 84 -5.41 10.19 9.21
N LEU A 85 -4.37 10.39 8.40
CA LEU A 85 -3.15 9.61 8.52
C LEU A 85 -2.22 10.23 9.56
N SER A 86 -1.70 9.39 10.44
CA SER A 86 -0.67 9.80 11.39
CA SER A 86 -0.66 9.80 11.39
C SER A 86 0.68 9.31 10.86
N PHE A 87 1.59 10.24 10.59
CA PHE A 87 2.88 9.90 10.00
C PHE A 87 3.98 10.63 10.74
N ASP A 88 4.93 9.88 11.29
CA ASP A 88 6.08 10.44 12.00
C ASP A 88 7.33 9.89 11.31
N ALA A 89 7.92 10.70 10.43
CA ALA A 89 9.12 10.27 9.72
C ALA A 89 10.28 10.02 10.67
N SER A 90 10.35 10.78 11.77
CA SER A 90 11.44 10.61 12.72
CA SER A 90 11.44 10.61 12.72
C SER A 90 11.42 9.22 13.36
N GLN A 91 10.24 8.62 13.48
CA GLN A 91 10.09 7.28 14.03
C GLN A 91 9.76 6.25 12.98
N SER A 92 9.65 6.64 11.71
CA SER A 92 9.37 5.73 10.60
C SER A 92 8.10 4.94 10.86
N THR A 93 7.07 5.64 11.31
CA THR A 93 5.80 5.02 11.69
CA THR A 93 5.80 5.03 11.69
C THR A 93 4.64 5.72 10.98
N MET A 94 3.67 4.91 10.55
CA MET A 94 2.44 5.36 9.95
C MET A 94 1.29 4.64 10.63
N ALA A 95 0.21 5.36 10.91
CA ALA A 95 -0.90 4.73 11.61
C ALA A 95 -2.20 5.41 11.23
N ALA A 96 -3.26 4.61 11.16
CA ALA A 96 -4.60 5.12 10.91
C ALA A 96 -5.62 4.04 11.24
N GLY A 97 -6.64 4.41 12.00
CA GLY A 97 -7.60 3.44 12.47
C GLY A 97 -6.92 2.35 13.28
N PRO A 98 -7.29 1.10 13.03
CA PRO A 98 -6.70 -0.01 13.79
C PRO A 98 -5.31 -0.40 13.32
N PHE A 99 -4.80 0.18 12.25
CA PHE A 99 -3.59 -0.31 11.60
C PHE A 99 -2.41 0.63 11.84
N SER A 100 -1.23 0.02 11.98
CA SER A 100 0.00 0.77 12.14
CA SER A 100 0.00 0.76 12.14
C SER A 100 1.11 0.02 11.42
N LEU A 101 2.15 0.77 11.02
CA LEU A 101 3.26 0.12 10.34
C LEU A 101 4.56 0.83 10.68
N THR A 102 5.65 0.07 10.54
CA THR A 102 6.99 0.61 10.70
CA THR A 102 6.99 0.60 10.70
C THR A 102 7.85 0.11 9.56
N TYR A 103 8.76 0.96 9.09
CA TYR A 103 9.59 0.63 7.93
C TYR A 103 11.04 0.97 8.22
N ALA A 104 11.92 0.30 7.49
CA ALA A 104 13.35 0.59 7.48
C ALA A 104 13.93 0.04 6.20
N ALA A 105 14.90 0.76 5.63
CA ALA A 105 15.54 0.36 4.40
C ALA A 105 16.88 -0.32 4.68
N SER A 106 17.24 -1.25 3.80
CA SER A 106 18.52 -1.94 3.89
C SER A 106 18.93 -2.38 2.49
N ALA A 107 20.06 -3.08 2.42
CA ALA A 107 20.50 -3.62 1.14
C ALA A 107 19.50 -4.65 0.60
N ALA A 108 18.83 -5.38 1.50
CA ALA A 108 17.79 -6.32 1.07
C ALA A 108 16.54 -5.62 0.58
N GLY A 109 16.39 -4.33 0.87
CA GLY A 109 15.25 -3.57 0.38
C GLY A 109 14.48 -2.87 1.48
N LEU A 110 13.20 -2.62 1.22
CA LEU A 110 12.34 -1.93 2.17
C LEU A 110 11.61 -2.97 3.02
N GLU A 111 11.88 -2.97 4.32
CA GLU A 111 11.23 -3.90 5.25
C GLU A 111 10.16 -3.16 6.04
N VAL A 112 8.95 -3.72 6.07
CA VAL A 112 7.81 -3.10 6.73
C VAL A 112 7.16 -4.13 7.65
N ARG A 113 6.79 -3.69 8.85
CA ARG A 113 6.04 -4.49 9.80
C ARG A 113 4.65 -3.88 9.95
N TYR A 114 3.62 -4.68 9.71
CA TYR A 114 2.23 -4.23 9.79
C TYR A 114 1.59 -4.81 11.04
N VAL A 115 1.01 -3.93 11.87
CA VAL A 115 0.48 -4.32 13.17
C VAL A 115 -0.96 -3.85 13.28
N ALA A 116 -1.83 -4.75 13.74
CA ALA A 116 -3.19 -4.40 14.14
C ALA A 116 -3.66 -5.51 15.06
N ALA A 117 -4.79 -5.28 15.72
CA ALA A 117 -5.40 -6.34 16.50
C ALA A 117 -5.62 -7.56 15.62
N GLY A 118 -4.90 -8.65 15.92
CA GLY A 118 -4.98 -9.86 15.13
C GLY A 118 -3.97 -9.97 14.00
N LEU A 119 -3.06 -9.00 13.87
CA LEU A 119 -2.14 -8.94 12.75
C LEU A 119 -0.76 -8.54 13.23
N ASP A 120 0.26 -9.30 12.83
CA ASP A 120 1.66 -8.96 13.06
C ASP A 120 2.45 -9.60 11.91
N HIS A 121 2.62 -8.82 10.84
CA HIS A 121 3.13 -9.35 9.58
C HIS A 121 4.29 -8.49 9.10
N ARG A 122 5.36 -9.14 8.62
CA ARG A 122 6.51 -8.45 8.08
CA ARG A 122 6.52 -8.45 8.09
C ARG A 122 6.70 -8.80 6.61
N ALA A 123 7.14 -7.81 5.84
CA ALA A 123 7.42 -7.99 4.43
C ALA A 123 8.69 -7.23 4.11
N VAL A 124 9.45 -7.74 3.14
CA VAL A 124 10.65 -7.06 2.64
CA VAL A 124 10.65 -7.06 2.64
C VAL A 124 10.52 -6.95 1.13
N PHE A 125 10.55 -5.72 0.62
CA PHE A 125 10.37 -5.46 -0.80
C PHE A 125 11.73 -5.20 -1.43
N ALA A 126 12.14 -6.08 -2.32
CA ALA A 126 13.46 -5.99 -2.93
C ALA A 126 13.55 -4.77 -3.84
N PRO A 127 14.71 -4.13 -3.91
CA PRO A 127 14.88 -3.01 -4.85
C PRO A 127 14.83 -3.49 -6.29
N GLY A 128 14.40 -2.59 -7.17
CA GLY A 128 14.44 -2.89 -8.59
C GLY A 128 13.13 -2.57 -9.27
N VAL A 129 12.93 -3.16 -10.44
CA VAL A 129 11.73 -2.95 -11.24
C VAL A 129 11.00 -4.28 -11.31
N SER A 130 9.69 -4.23 -11.13
CA SER A 130 8.88 -5.43 -11.09
CA SER A 130 8.89 -5.44 -11.09
C SER A 130 8.53 -5.92 -12.49
N PRO A 131 8.27 -7.21 -12.65
CA PRO A 131 7.68 -7.68 -13.90
C PRO A 131 6.31 -7.05 -14.10
N ARG A 132 5.89 -6.93 -15.35
CA ARG A 132 4.66 -6.24 -15.68
C ARG A 132 3.47 -7.20 -15.56
N SER A 133 2.58 -6.92 -14.60
CA SER A 133 1.34 -7.67 -14.52
C SER A 133 0.47 -7.42 -15.75
N ALA A 134 -0.31 -8.43 -16.11
CA ALA A 134 -1.16 -8.33 -17.30
C ALA A 134 -2.19 -7.23 -17.13
N PRO A 135 -2.33 -6.32 -18.10
CA PRO A 135 -3.30 -5.23 -17.94
C PRO A 135 -4.74 -5.68 -17.78
N GLY A 136 -5.10 -6.84 -18.34
CA GLY A 136 -6.44 -7.38 -18.11
C GLY A 136 -6.67 -7.76 -16.66
N GLU A 137 -5.65 -8.32 -16.01
CA GLU A 137 -5.78 -8.68 -14.60
C GLU A 137 -5.85 -7.43 -13.72
N VAL A 138 -5.06 -6.40 -14.05
CA VAL A 138 -5.09 -5.16 -13.28
C VAL A 138 -6.46 -4.51 -13.39
N THR A 139 -7.01 -4.43 -14.61
CA THR A 139 -8.32 -3.84 -14.81
C THR A 139 -9.40 -4.60 -14.06
N ALA A 140 -9.36 -5.94 -14.10
CA ALA A 140 -10.34 -6.72 -13.37
C ALA A 140 -10.20 -6.53 -11.86
N PHE A 141 -8.97 -6.37 -11.38
CA PHE A 141 -8.74 -6.13 -9.96
C PHE A 141 -9.29 -4.76 -9.53
N CYS A 142 -8.98 -3.71 -10.28
CA CYS A 142 -9.45 -2.38 -9.92
C CYS A 142 -10.97 -2.31 -9.92
N SER A 143 -11.61 -2.99 -10.88
CA SER A 143 -13.07 -2.98 -10.96
CA SER A 143 -13.06 -2.98 -10.95
C SER A 143 -13.68 -3.74 -9.79
N ALA A 144 -13.07 -4.87 -9.40
CA ALA A 144 -13.62 -5.66 -8.30
C ALA A 144 -13.42 -4.95 -6.98
N LEU A 145 -12.31 -4.23 -6.82
CA LEU A 145 -12.11 -3.45 -5.60
C LEU A 145 -13.13 -2.32 -5.53
N TYR A 146 -13.48 -1.74 -6.68
CA TYR A 146 -14.47 -0.67 -6.71
C TYR A 146 -15.85 -1.18 -6.30
N ARG A 147 -16.27 -2.33 -6.82
CA ARG A 147 -17.51 -2.98 -6.39
C ARG A 147 -17.53 -3.21 -4.90
N PHE A 148 -16.45 -3.79 -4.36
CA PHE A 148 -16.40 -4.06 -2.94
C PHE A 148 -16.59 -2.77 -2.14
N ASN A 149 -15.93 -1.69 -2.56
CA ASN A 149 -16.06 -0.40 -1.88
C ASN A 149 -17.49 0.09 -1.89
N ARG A 150 -18.16 0.01 -3.05
CA ARG A 150 -19.53 0.53 -3.14
C ARG A 150 -20.52 -0.38 -2.42
N GLU A 151 -20.37 -1.70 -2.59
CA GLU A 151 -21.26 -2.63 -1.90
C GLU A 151 -21.08 -2.55 -0.39
N ALA A 152 -19.88 -2.21 0.08
CA ALA A 152 -19.63 -2.08 1.51
C ALA A 152 -20.07 -0.74 2.07
N GLN A 153 -20.68 0.12 1.26
CA GLN A 153 -21.30 1.32 1.79
C GLN A 153 -22.70 1.04 2.32
N ARG A 154 -23.36 0.00 1.80
CA ARG A 154 -24.67 -0.39 2.29
C ARG A 154 -24.56 -1.05 3.67
N LEU A 155 -23.93 -0.35 4.61
CA LEU A 155 -23.71 -0.89 5.94
C LEU A 155 -24.24 0.07 7.01
N ASN A 160 -14.62 0.76 7.31
CA ASN A 160 -13.37 0.40 6.63
C ASN A 160 -12.91 1.51 5.69
N PHE A 161 -11.65 1.44 5.26
CA PHE A 161 -11.13 2.38 4.29
C PHE A 161 -11.80 2.19 2.94
N TRP A 162 -11.83 3.26 2.15
CA TRP A 162 -12.11 3.15 0.73
C TRP A 162 -10.80 2.76 0.05
N PHE A 163 -10.63 1.47 -0.20
CA PHE A 163 -9.34 0.98 -0.69
C PHE A 163 -9.08 1.40 -2.12
N HIS A 164 -7.82 1.84 -2.38
CA HIS A 164 -7.26 2.10 -3.69
C HIS A 164 -6.37 0.93 -4.11
N PRO A 165 -6.30 0.64 -5.41
CA PRO A 165 -5.42 -0.45 -5.86
C PRO A 165 -3.97 -0.25 -5.45
N GLU A 166 -3.44 0.97 -5.56
CA GLU A 166 -2.11 1.24 -5.05
C GLU A 166 -2.06 1.27 -3.53
N GLY A 167 -3.23 1.36 -2.87
CA GLY A 167 -3.26 1.23 -1.44
C GLY A 167 -3.02 -0.19 -0.96
N LEU A 168 -3.38 -1.17 -1.78
CA LEU A 168 -3.15 -2.57 -1.45
C LEU A 168 -1.86 -3.14 -2.04
N LEU A 169 -1.45 -2.63 -3.20
CA LEU A 169 -0.22 -3.07 -3.85
C LEU A 169 0.87 -2.03 -3.63
N GLY A 170 1.24 -1.87 -2.36
CA GLY A 170 2.20 -0.86 -1.97
C GLY A 170 2.82 -1.15 -0.62
N PRO A 171 4.01 -0.61 -0.38
CA PRO A 171 4.69 -0.86 0.91
C PRO A 171 3.89 -0.40 2.12
N PHE A 172 3.14 0.71 2.00
CA PHE A 172 2.47 1.33 3.12
C PHE A 172 0.99 0.96 3.18
N ALA A 173 0.65 -0.23 2.68
CA ALA A 173 -0.73 -0.70 2.71
C ALA A 173 -1.23 -0.79 4.15
N PRO A 174 -2.54 -0.56 4.38
CA PRO A 174 -3.60 -0.28 3.40
C PRO A 174 -3.80 1.20 3.11
N PHE A 175 -2.82 2.02 3.48
CA PHE A 175 -2.99 3.47 3.47
C PHE A 175 -2.87 4.02 2.06
N SER A 176 -3.89 4.74 1.61
CA SER A 176 -3.87 5.43 0.32
CA SER A 176 -3.86 5.43 0.31
C SER A 176 -4.51 6.79 0.45
N PRO A 177 -3.72 7.83 0.70
CA PRO A 177 -4.27 9.18 0.75
C PRO A 177 -4.67 9.66 -0.65
N GLY A 178 -5.12 10.91 -0.74
CA GLY A 178 -5.57 11.47 -1.99
C GLY A 178 -7.00 11.10 -2.31
N HIS A 179 -7.49 11.66 -3.42
CA HIS A 179 -8.83 11.35 -3.89
C HIS A 179 -8.78 10.08 -4.75
N VAL A 180 -9.95 9.63 -5.20
CA VAL A 180 -10.00 8.47 -6.08
C VAL A 180 -9.41 8.78 -7.44
N TRP A 181 -9.19 10.05 -7.76
CA TRP A 181 -8.59 10.48 -9.01
C TRP A 181 -7.14 10.93 -8.80
N GLU A 182 -6.42 11.03 -9.91
CA GLU A 182 -5.03 11.48 -9.89
C GLU A 182 -4.94 13.00 -9.88
ZN ZN B . -5.30 6.32 -5.45
N NO2 C . -9.42 -14.25 -9.14
O1 NO2 C . -9.14 -15.30 -8.18
O2 NO2 C . -10.85 -14.09 -9.29
C1 GOL D . 12.02 -2.70 9.99
O1 GOL D . 12.80 -3.71 10.56
C2 GOL D . 10.55 -3.07 10.29
O2 GOL D . 10.32 -4.42 10.18
C3 GOL D . 10.29 -2.54 11.71
O3 GOL D . 10.80 -3.48 12.59
#